data_3TE6
#
_entry.id   3TE6
#
_cell.length_a   89.590
_cell.length_b   47.019
_cell.length_c   127.852
_cell.angle_alpha   90.00
_cell.angle_beta   95.38
_cell.angle_gamma   90.00
#
_symmetry.space_group_name_H-M   'P 1 21 1'
#
loop_
_entity.id
_entity.type
_entity.pdbx_description
1 polymer 'Regulatory protein SIR3'
2 water water
#
_entity_poly.entity_id   1
_entity_poly.type   'polypeptide(L)'
_entity_poly.pdbx_seq_one_letter_code
;GPNADINLEESIRESLQKRELLKSQVEDFTRIFLPIYDSL(MSE)SSQNKLFYITNADDSTKFQLVNDV(MSE)DELITS
SARKELPIFDYIHIDALELAG(MSE)DALYEKIWFAISKENLCGDISLEALNFYITNVPKAKKRKTLILIQNPENLLSEK
ILQYFEKWISSKNSKLSIICVGGHNVTIREQINI(MSE)PSLKAHFTEIKLNKVDKNELQQ(MSE)IITRLKSLLKPFHV
KVNDKKE(MSE)TIYNNIREGQNQKIPDNVIVINHKINNKITQLIAKNVANVSGSTEKAFKICEAAVEISKKDFVRKGGL
QKGKLVVSQE(MSE)VPRYFSEAING
;
_entity_poly.pdbx_strand_id   A,B
#
# COMPACT_ATOMS: atom_id res chain seq x y z
N PRO A 2 -13.84 -46.58 31.75
CA PRO A 2 -13.65 -45.40 30.92
C PRO A 2 -12.27 -45.31 30.34
N ASN A 3 -12.09 -45.04 29.05
CA ASN A 3 -13.17 -44.87 28.06
C ASN A 3 -14.20 -43.84 28.43
N ALA A 4 -15.45 -44.21 28.26
CA ALA A 4 -16.58 -43.35 28.62
C ALA A 4 -16.38 -41.90 28.19
N ASP A 5 -15.25 -41.58 27.60
CA ASP A 5 -15.03 -40.23 27.08
C ASP A 5 -15.62 -40.17 25.67
N ILE A 6 -16.29 -41.27 25.30
CA ILE A 6 -16.98 -41.40 24.02
C ILE A 6 -18.39 -41.96 24.17
N ASN A 7 -19.39 -41.08 23.99
CA ASN A 7 -20.77 -41.55 23.97
C ASN A 7 -21.58 -41.11 22.74
N LEU A 8 -22.47 -42.00 22.33
CA LEU A 8 -23.41 -41.75 21.25
C LEU A 8 -24.01 -40.36 21.30
N GLU A 9 -24.87 -40.10 22.27
CA GLU A 9 -25.66 -38.87 22.28
C GLU A 9 -24.85 -37.63 21.90
N GLU A 10 -23.71 -37.43 22.56
CA GLU A 10 -22.90 -36.26 22.26
C GLU A 10 -22.21 -36.33 20.89
N SER A 11 -21.94 -37.54 20.41
CA SER A 11 -21.24 -37.72 19.14
C SER A 11 -22.21 -37.45 18.01
N ILE A 12 -23.39 -38.05 18.12
CA ILE A 12 -24.46 -37.83 17.18
C ILE A 12 -24.78 -36.34 17.06
N ARG A 13 -25.01 -35.66 18.17
CA ARG A 13 -25.37 -34.25 18.07
C ARG A 13 -24.23 -33.47 17.46
N GLU A 14 -22.99 -33.80 17.81
CA GLU A 14 -21.88 -33.04 17.27
C GLU A 14 -21.81 -33.28 15.78
N SER A 15 -22.17 -34.51 15.39
CA SER A 15 -22.17 -34.97 13.99
C SER A 15 -23.29 -34.37 13.15
N LEU A 16 -24.50 -34.34 13.70
CA LEU A 16 -25.62 -33.69 13.05
C LEU A 16 -25.34 -32.22 12.75
N GLN A 17 -24.71 -31.53 13.67
CA GLN A 17 -24.33 -30.15 13.42
C GLN A 17 -23.34 -30.08 12.27
N LYS A 18 -22.23 -30.80 12.39
CA LYS A 18 -21.21 -30.81 11.33
C LYS A 18 -21.88 -31.04 9.99
N ARG A 19 -22.90 -31.89 9.97
CA ARG A 19 -23.56 -32.24 8.74
C ARG A 19 -24.45 -31.10 8.23
N GLU A 20 -25.25 -30.54 9.13
CA GLU A 20 -26.11 -29.43 8.75
C GLU A 20 -25.23 -28.29 8.23
N LEU A 21 -24.05 -28.12 8.81
CA LEU A 21 -23.16 -27.05 8.40
C LEU A 21 -22.60 -27.30 7.01
N LEU A 22 -22.18 -28.54 6.82
CA LEU A 22 -21.59 -28.99 5.56
C LEU A 22 -22.60 -28.96 4.41
N LYS A 23 -23.82 -29.39 4.67
CA LYS A 23 -24.90 -29.23 3.71
C LYS A 23 -25.08 -27.78 3.31
N SER A 24 -25.03 -26.88 4.28
CA SER A 24 -25.27 -25.46 4.05
C SER A 24 -24.19 -24.86 3.14
N GLN A 25 -22.99 -25.43 3.19
CA GLN A 25 -21.89 -24.92 2.39
C GLN A 25 -21.91 -25.51 0.97
N VAL A 26 -22.68 -26.56 0.78
CA VAL A 26 -22.75 -27.15 -0.54
C VAL A 26 -23.83 -26.36 -1.26
N GLU A 27 -24.86 -26.01 -0.50
CA GLU A 27 -25.93 -25.19 -1.02
C GLU A 27 -25.38 -23.81 -1.40
N ASP A 28 -24.57 -23.21 -0.54
CA ASP A 28 -24.01 -21.92 -0.85
C ASP A 28 -23.02 -21.95 -2.02
N PHE A 29 -22.14 -22.94 -2.03
CA PHE A 29 -21.15 -23.09 -3.09
C PHE A 29 -21.82 -23.28 -4.48
N THR A 30 -22.87 -24.08 -4.51
CA THR A 30 -23.60 -24.31 -5.74
C THR A 30 -24.29 -23.03 -6.23
N ARG A 31 -24.97 -22.32 -5.35
CA ARG A 31 -25.63 -21.06 -5.67
C ARG A 31 -24.68 -20.11 -6.38
N ILE A 32 -23.44 -20.04 -5.90
CA ILE A 32 -22.48 -19.10 -6.45
C ILE A 32 -21.89 -19.66 -7.72
N PHE A 33 -21.63 -20.96 -7.70
CA PHE A 33 -20.95 -21.59 -8.82
C PHE A 33 -21.83 -21.60 -10.06
N LEU A 34 -23.01 -22.20 -9.96
CA LEU A 34 -23.85 -22.41 -11.14
C LEU A 34 -23.95 -21.19 -12.03
N PRO A 35 -24.53 -20.08 -11.51
CA PRO A 35 -24.83 -18.94 -12.37
C PRO A 35 -23.58 -18.34 -12.94
N ILE A 36 -22.51 -18.32 -12.15
CA ILE A 36 -21.30 -17.69 -12.63
C ILE A 36 -20.66 -18.56 -13.71
N TYR A 37 -20.82 -19.87 -13.56
CA TYR A 37 -20.24 -20.82 -14.50
C TYR A 37 -20.89 -20.72 -15.87
N ASP A 38 -22.22 -20.62 -15.90
CA ASP A 38 -22.93 -20.30 -17.14
C ASP A 38 -22.37 -19.04 -17.74
N SER A 39 -22.50 -17.93 -17.01
CA SER A 39 -22.01 -16.65 -17.48
C SER A 39 -20.74 -16.81 -18.27
N LEU A 40 -19.81 -17.60 -17.74
CA LEU A 40 -18.50 -17.78 -18.34
C LEU A 40 -18.53 -18.64 -19.60
N SER A 42 -21.06 -19.38 -21.54
CA SER A 42 -21.72 -18.65 -22.58
C SER A 42 -21.21 -17.23 -22.67
N SER A 43 -19.95 -17.08 -23.10
CA SER A 43 -19.30 -15.78 -23.17
C SER A 43 -20.22 -14.57 -23.09
N GLN A 44 -20.64 -14.21 -21.89
CA GLN A 44 -21.49 -13.03 -21.73
C GLN A 44 -21.17 -12.21 -20.48
N ASN A 45 -21.56 -10.95 -20.50
CA ASN A 45 -21.22 -10.03 -19.43
C ASN A 45 -22.32 -9.87 -18.39
N LYS A 46 -21.95 -10.03 -17.13
CA LYS A 46 -22.89 -9.92 -16.02
C LYS A 46 -22.30 -9.10 -14.89
N LEU A 47 -23.17 -8.65 -14.01
CA LEU A 47 -22.77 -8.09 -12.75
C LEU A 47 -23.47 -8.99 -11.77
N PHE A 48 -22.70 -9.69 -10.95
CA PHE A 48 -23.28 -10.54 -9.91
C PHE A 48 -23.11 -9.84 -8.59
N TYR A 49 -24.14 -9.87 -7.78
CA TYR A 49 -24.02 -9.35 -6.43
C TYR A 49 -24.32 -10.46 -5.45
N ILE A 50 -23.27 -10.98 -4.84
CA ILE A 50 -23.40 -12.01 -3.82
C ILE A 50 -23.63 -11.36 -2.46
N THR A 51 -24.80 -11.59 -1.89
CA THR A 51 -25.16 -10.91 -0.66
C THR A 51 -25.39 -11.89 0.49
N ASN A 52 -25.36 -11.39 1.73
CA ASN A 52 -25.46 -12.23 2.93
C ASN A 52 -24.14 -12.89 3.32
N ALA A 53 -23.04 -12.40 2.77
CA ALA A 53 -21.71 -12.88 3.13
C ALA A 53 -21.28 -12.15 4.38
N ASP A 54 -21.83 -12.60 5.50
CA ASP A 54 -21.75 -11.90 6.77
C ASP A 54 -20.58 -12.32 7.68
N ASP A 55 -19.98 -13.48 7.43
CA ASP A 55 -18.74 -13.81 8.13
C ASP A 55 -17.62 -14.23 7.22
N SER A 56 -16.48 -14.60 7.78
CA SER A 56 -15.29 -14.86 6.99
C SER A 56 -15.39 -16.20 6.33
N THR A 57 -16.26 -17.05 6.84
CA THR A 57 -16.38 -18.40 6.30
C THR A 57 -17.16 -18.33 5.01
N LYS A 58 -18.07 -17.36 4.94
CA LYS A 58 -18.82 -17.09 3.72
C LYS A 58 -17.89 -16.56 2.66
N PHE A 59 -17.01 -15.66 3.03
CA PHE A 59 -16.05 -15.16 2.06
C PHE A 59 -15.13 -16.27 1.63
N GLN A 60 -14.88 -17.24 2.49
CA GLN A 60 -14.00 -18.34 2.13
C GLN A 60 -14.64 -19.24 1.06
N LEU A 61 -15.92 -19.55 1.24
CA LEU A 61 -16.74 -20.20 0.21
C LEU A 61 -16.60 -19.56 -1.16
N VAL A 62 -16.74 -18.23 -1.16
CA VAL A 62 -16.72 -17.44 -2.38
C VAL A 62 -15.34 -17.49 -3.03
N ASN A 63 -14.28 -17.54 -2.25
CA ASN A 63 -12.95 -17.66 -2.84
C ASN A 63 -12.67 -19.05 -3.35
N ASP A 64 -13.41 -20.03 -2.82
CA ASP A 64 -13.23 -21.39 -3.24
C ASP A 64 -13.94 -21.60 -4.56
N VAL A 65 -15.11 -21.00 -4.68
CA VAL A 65 -15.84 -21.06 -5.94
C VAL A 65 -15.02 -20.44 -7.07
N ASP A 67 -11.67 -20.45 -7.10
CA ASP A 67 -10.52 -21.32 -7.29
C ASP A 67 -10.87 -22.43 -8.23
N GLU A 68 -12.12 -22.86 -8.16
CA GLU A 68 -12.59 -23.95 -8.98
C GLU A 68 -12.77 -23.47 -10.40
N LEU A 69 -13.41 -22.31 -10.55
CA LEU A 69 -13.57 -21.68 -11.85
C LEU A 69 -12.23 -21.49 -12.54
N ILE A 70 -11.22 -20.97 -11.84
CA ILE A 70 -9.92 -20.80 -12.47
C ILE A 70 -9.34 -22.16 -12.88
N THR A 71 -9.53 -23.18 -12.04
CA THR A 71 -9.15 -24.54 -12.38
C THR A 71 -9.88 -25.04 -13.64
N SER A 72 -11.22 -24.97 -13.61
CA SER A 72 -12.02 -25.35 -14.76
C SER A 72 -11.60 -24.62 -16.02
N SER A 73 -10.73 -23.62 -15.88
CA SER A 73 -10.22 -22.90 -17.04
C SER A 73 -8.92 -23.57 -17.54
N ALA A 74 -8.01 -23.83 -16.61
CA ALA A 74 -6.86 -24.67 -16.91
C ALA A 74 -7.34 -26.11 -17.01
N ARG A 75 -8.00 -26.41 -18.12
CA ARG A 75 -8.60 -27.71 -18.37
C ARG A 75 -9.49 -27.49 -19.58
N LYS A 76 -9.30 -26.33 -20.21
CA LYS A 76 -10.08 -25.92 -21.37
C LYS A 76 -11.58 -26.10 -21.17
N GLU A 77 -11.99 -26.41 -19.95
CA GLU A 77 -13.38 -26.69 -19.63
C GLU A 77 -14.16 -25.38 -19.64
N LEU A 78 -13.44 -24.29 -19.48
CA LEU A 78 -14.03 -22.97 -19.60
C LEU A 78 -13.11 -22.08 -20.42
N PRO A 79 -13.71 -21.24 -21.26
CA PRO A 79 -13.01 -20.22 -22.03
C PRO A 79 -12.01 -19.45 -21.16
N ILE A 80 -10.83 -19.15 -21.72
CA ILE A 80 -9.79 -18.47 -20.97
C ILE A 80 -10.33 -17.19 -20.36
N PHE A 81 -10.00 -16.96 -19.08
CA PHE A 81 -10.36 -15.72 -18.40
C PHE A 81 -9.36 -15.33 -17.34
N ASP A 82 -9.21 -14.01 -17.15
CA ASP A 82 -8.38 -13.45 -16.10
C ASP A 82 -9.21 -13.03 -14.91
N TYR A 83 -8.74 -13.41 -13.72
CA TYR A 83 -9.44 -13.12 -12.49
C TYR A 83 -8.65 -12.12 -11.67
N ILE A 84 -9.36 -11.19 -11.02
CA ILE A 84 -8.72 -10.25 -10.10
C ILE A 84 -9.60 -10.01 -8.91
N HIS A 85 -9.03 -10.21 -7.74
CA HIS A 85 -9.76 -9.95 -6.51
C HIS A 85 -9.34 -8.63 -5.89
N ILE A 86 -10.32 -7.90 -5.37
CA ILE A 86 -10.09 -6.58 -4.83
C ILE A 86 -10.81 -6.40 -3.51
N ASP A 87 -10.05 -6.14 -2.45
CA ASP A 87 -10.69 -5.81 -1.17
C ASP A 87 -10.97 -4.32 -1.08
N ALA A 88 -12.24 -3.99 -0.97
CA ALA A 88 -12.69 -2.62 -1.11
C ALA A 88 -12.33 -1.78 0.11
N LEU A 89 -11.62 -2.39 1.05
CA LEU A 89 -11.22 -1.63 2.23
C LEU A 89 -9.83 -0.99 2.12
N GLU A 90 -9.16 -1.20 0.98
CA GLU A 90 -8.13 -0.30 0.50
C GLU A 90 -8.84 0.91 -0.10
N LEU A 91 -8.80 2.03 0.62
CA LEU A 91 -9.60 3.22 0.33
C LEU A 91 -11.01 2.86 -0.08
N ASP A 95 -11.80 6.95 -5.51
CA ASP A 95 -11.14 7.19 -6.79
C ASP A 95 -9.97 6.22 -6.88
N ALA A 96 -9.63 5.65 -5.72
CA ALA A 96 -8.48 4.77 -5.57
C ALA A 96 -8.69 3.39 -6.21
N LEU A 97 -9.94 3.08 -6.54
CA LEU A 97 -10.27 1.76 -7.03
C LEU A 97 -10.27 1.73 -8.55
N TYR A 98 -10.49 2.88 -9.17
CA TYR A 98 -10.45 2.99 -10.61
C TYR A 98 -9.14 2.50 -11.18
N GLU A 99 -8.03 2.81 -10.50
CA GLU A 99 -6.75 2.37 -11.01
C GLU A 99 -6.57 0.90 -10.72
N LYS A 100 -7.48 0.38 -9.90
CA LYS A 100 -7.47 -1.04 -9.59
C LYS A 100 -8.15 -1.77 -10.72
N ILE A 101 -9.33 -1.27 -11.08
CA ILE A 101 -10.02 -1.74 -12.27
C ILE A 101 -9.16 -1.58 -13.53
N TRP A 102 -8.42 -0.49 -13.62
CA TRP A 102 -7.55 -0.35 -14.77
C TRP A 102 -6.53 -1.47 -14.78
N PHE A 103 -5.79 -1.59 -13.68
CA PHE A 103 -4.75 -2.60 -13.56
C PHE A 103 -5.33 -3.98 -13.85
N ALA A 104 -6.57 -4.18 -13.43
CA ALA A 104 -7.25 -5.46 -13.63
C ALA A 104 -7.45 -5.75 -15.10
N ILE A 105 -7.83 -4.70 -15.84
CA ILE A 105 -8.06 -4.75 -17.28
C ILE A 105 -6.76 -4.92 -18.07
N SER A 106 -5.76 -4.12 -17.74
CA SER A 106 -4.40 -4.34 -18.27
C SER A 106 -3.30 -3.73 -17.39
N LYS A 107 -2.16 -4.42 -17.33
CA LYS A 107 -1.04 -4.04 -16.47
C LYS A 107 -0.47 -2.62 -16.68
N GLU A 108 -1.14 -1.61 -16.14
CA GLU A 108 -0.76 -0.22 -16.39
C GLU A 108 0.10 0.43 -15.33
N ASN A 109 -0.21 1.69 -15.02
CA ASN A 109 0.50 2.47 -14.02
C ASN A 109 0.02 3.90 -13.89
N GLY A 112 0.88 7.38 -15.02
CA GLY A 112 0.15 8.63 -14.90
C GLY A 112 -0.94 8.62 -13.84
N ASP A 113 -1.91 9.52 -13.99
CA ASP A 113 -3.03 9.62 -13.07
C ASP A 113 -4.03 8.49 -13.30
N ILE A 114 -5.31 8.83 -13.36
CA ILE A 114 -6.35 7.82 -13.59
C ILE A 114 -7.63 8.41 -14.13
N SER A 115 -7.63 8.77 -15.42
CA SER A 115 -8.79 9.41 -16.06
C SER A 115 -9.98 8.47 -16.22
N LEU A 116 -11.04 8.74 -15.47
CA LEU A 116 -12.26 7.98 -15.61
C LEU A 116 -12.69 7.99 -17.06
N GLU A 117 -12.42 9.10 -17.76
CA GLU A 117 -12.81 9.27 -19.14
C GLU A 117 -12.14 8.33 -20.12
N ALA A 118 -10.80 8.28 -20.08
CA ALA A 118 -10.02 7.37 -20.89
C ALA A 118 -10.18 5.92 -20.47
N LEU A 119 -10.08 5.67 -19.17
CA LEU A 119 -10.31 4.34 -18.63
C LEU A 119 -11.65 3.81 -19.13
N ASN A 120 -12.65 4.66 -19.18
CA ASN A 120 -13.93 4.22 -19.72
C ASN A 120 -13.90 4.01 -21.24
N PHE A 121 -13.14 4.84 -21.94
CA PHE A 121 -13.05 4.71 -23.39
C PHE A 121 -12.33 3.41 -23.76
N TYR A 122 -11.28 3.08 -23.03
CA TYR A 122 -10.59 1.82 -23.26
C TYR A 122 -11.57 0.65 -23.21
N ILE A 123 -12.23 0.48 -22.07
CA ILE A 123 -13.19 -0.61 -21.91
C ILE A 123 -14.15 -0.73 -23.09
N THR A 124 -14.85 0.36 -23.37
CA THR A 124 -16.02 0.31 -24.24
C THR A 124 -15.71 0.58 -25.70
N ASN A 125 -14.48 0.99 -25.99
CA ASN A 125 -14.14 1.35 -27.35
C ASN A 125 -13.02 0.56 -27.99
N VAL A 126 -11.90 0.37 -27.29
CA VAL A 126 -10.86 -0.50 -27.84
C VAL A 126 -11.52 -1.82 -28.24
N PRO A 127 -11.19 -2.32 -29.44
CA PRO A 127 -11.89 -3.47 -30.04
C PRO A 127 -11.85 -4.72 -29.17
N LYS A 128 -12.86 -5.56 -29.34
CA LYS A 128 -13.04 -6.78 -28.53
C LYS A 128 -12.01 -7.85 -28.83
N ALA A 129 -11.64 -8.02 -30.09
CA ALA A 129 -10.61 -8.99 -30.47
C ALA A 129 -9.21 -8.57 -29.99
N LYS A 130 -9.16 -7.43 -29.31
CA LYS A 130 -7.91 -6.87 -28.79
C LYS A 130 -7.71 -7.22 -27.31
N LYS A 131 -8.44 -8.21 -26.83
CA LYS A 131 -8.45 -8.54 -25.39
C LYS A 131 -9.29 -9.78 -25.09
N ARG A 132 -8.97 -10.51 -24.02
CA ARG A 132 -9.82 -11.65 -23.59
C ARG A 132 -10.56 -11.42 -22.25
N LYS A 133 -11.37 -12.40 -21.84
CA LYS A 133 -12.37 -12.21 -20.77
C LYS A 133 -11.75 -11.96 -19.41
N THR A 134 -12.31 -10.99 -18.72
CA THR A 134 -11.72 -10.54 -17.49
C THR A 134 -12.81 -10.42 -16.42
N LEU A 135 -12.58 -11.06 -15.29
CA LEU A 135 -13.59 -11.19 -14.24
C LEU A 135 -13.12 -10.56 -12.92
N ILE A 136 -13.82 -9.52 -12.47
CA ILE A 136 -13.37 -8.85 -11.26
C ILE A 136 -14.29 -9.08 -10.09
N LEU A 137 -13.69 -9.49 -8.97
CA LEU A 137 -14.43 -9.69 -7.74
C LEU A 137 -14.14 -8.55 -6.78
N ILE A 138 -15.16 -7.75 -6.47
CA ILE A 138 -14.99 -6.67 -5.51
C ILE A 138 -15.60 -7.04 -4.18
N GLN A 139 -14.74 -7.14 -3.18
CA GLN A 139 -15.10 -7.60 -1.86
C GLN A 139 -15.45 -6.45 -0.96
N ASN A 140 -16.71 -6.38 -0.54
CA ASN A 140 -17.18 -5.30 0.34
C ASN A 140 -17.25 -3.94 -0.32
N PRO A 141 -17.96 -3.83 -1.44
CA PRO A 141 -18.05 -2.51 -2.07
C PRO A 141 -18.89 -1.57 -1.21
N GLU A 142 -20.05 -2.04 -0.75
CA GLU A 142 -20.91 -1.28 0.17
C GLU A 142 -20.69 0.21 0.00
N ASN A 143 -19.83 0.78 0.85
CA ASN A 143 -19.45 2.18 0.77
C ASN A 143 -18.90 2.52 -0.59
N LEU A 144 -17.56 2.54 -0.71
CA LEU A 144 -16.91 2.89 -1.98
C LEU A 144 -17.49 2.15 -3.19
N LEU A 145 -18.55 2.70 -3.77
CA LEU A 145 -19.20 2.10 -4.91
C LEU A 145 -20.69 2.40 -4.96
N SER A 146 -21.05 3.48 -5.65
CA SER A 146 -22.45 3.81 -5.90
C SER A 146 -22.63 4.82 -7.02
N GLU A 147 -23.84 4.85 -7.59
CA GLU A 147 -24.31 5.94 -8.43
C GLU A 147 -23.71 6.08 -9.82
N LYS A 148 -22.63 6.85 -9.93
CA LYS A 148 -21.98 7.01 -11.21
C LYS A 148 -21.41 5.65 -11.60
N ILE A 149 -20.55 5.16 -10.73
CA ILE A 149 -19.96 3.82 -10.83
C ILE A 149 -20.98 2.81 -11.33
N LEU A 150 -22.18 2.81 -10.77
CA LEU A 150 -23.21 1.89 -11.23
C LEU A 150 -23.49 2.11 -12.71
N GLN A 151 -23.51 3.36 -13.12
CA GLN A 151 -23.69 3.69 -14.52
C GLN A 151 -22.50 3.20 -15.35
N TYR A 152 -21.29 3.53 -14.91
CA TYR A 152 -20.10 3.06 -15.62
C TYR A 152 -20.17 1.56 -15.83
N PHE A 153 -20.52 0.85 -14.76
CA PHE A 153 -20.75 -0.59 -14.80
C PHE A 153 -21.76 -0.97 -15.85
N GLU A 154 -22.79 -0.16 -15.99
CA GLU A 154 -23.83 -0.44 -16.98
C GLU A 154 -23.30 -0.33 -18.40
N LYS A 155 -22.36 0.59 -18.60
CA LYS A 155 -21.81 0.84 -19.92
C LYS A 155 -20.71 -0.17 -20.27
N TRP A 156 -19.82 -0.42 -19.31
CA TRP A 156 -18.75 -1.38 -19.49
C TRP A 156 -19.33 -2.76 -19.74
N ILE A 157 -20.30 -3.14 -18.92
CA ILE A 157 -20.86 -4.49 -19.00
C ILE A 157 -21.74 -4.71 -20.24
N SER A 158 -22.57 -3.74 -20.60
CA SER A 158 -23.37 -3.86 -21.81
C SER A 158 -22.53 -3.74 -23.07
N SER A 159 -21.40 -3.04 -23.00
CA SER A 159 -20.57 -2.87 -24.17
C SER A 159 -20.15 -4.21 -24.74
N LYS A 160 -19.94 -4.28 -26.05
CA LYS A 160 -19.55 -5.54 -26.67
C LYS A 160 -18.06 -5.53 -26.97
N ASN A 161 -17.32 -4.71 -26.22
CA ASN A 161 -15.90 -4.56 -26.42
C ASN A 161 -15.19 -4.81 -25.12
N SER A 162 -15.98 -4.87 -24.05
CA SER A 162 -15.45 -4.88 -22.69
C SER A 162 -14.99 -6.27 -22.23
N LYS A 163 -15.80 -7.29 -22.49
CA LYS A 163 -15.47 -8.63 -22.04
C LYS A 163 -15.22 -8.63 -20.54
N LEU A 164 -16.16 -8.06 -19.80
CA LEU A 164 -16.00 -7.87 -18.38
C LEU A 164 -17.23 -8.40 -17.66
N SER A 165 -17.03 -9.33 -16.73
CA SER A 165 -18.05 -9.55 -15.69
C SER A 165 -17.47 -9.06 -14.38
N ILE A 166 -18.34 -8.63 -13.48
CA ILE A 166 -17.95 -8.13 -12.16
C ILE A 166 -18.75 -8.82 -11.10
N ILE A 167 -18.08 -9.29 -10.06
CA ILE A 167 -18.78 -9.87 -8.91
C ILE A 167 -18.54 -9.03 -7.67
N CYS A 168 -19.62 -8.64 -7.00
CA CYS A 168 -19.54 -7.98 -5.71
C CYS A 168 -19.99 -8.88 -4.60
N VAL A 169 -19.32 -8.83 -3.47
CA VAL A 169 -19.69 -9.66 -2.34
C VAL A 169 -19.83 -8.75 -1.15
N GLY A 170 -20.92 -8.86 -0.42
CA GLY A 170 -21.13 -8.01 0.72
C GLY A 170 -22.17 -8.57 1.64
N GLY A 171 -22.47 -7.82 2.70
CA GLY A 171 -23.49 -8.21 3.65
C GLY A 171 -24.91 -8.09 3.14
N HIS A 172 -25.87 -8.09 4.06
CA HIS A 172 -27.27 -7.92 3.69
C HIS A 172 -27.66 -6.43 3.58
N ASN A 173 -27.05 -5.62 4.44
CA ASN A 173 -27.30 -4.18 4.44
C ASN A 173 -26.91 -3.52 3.14
N VAL A 174 -26.88 -4.31 2.06
CA VAL A 174 -26.66 -3.79 0.72
C VAL A 174 -27.95 -3.92 -0.10
N THR A 175 -28.49 -2.78 -0.54
CA THR A 175 -29.75 -2.76 -1.24
C THR A 175 -29.74 -1.85 -2.44
N ILE A 176 -29.10 -2.31 -3.52
CA ILE A 176 -29.12 -1.57 -4.78
C ILE A 176 -30.12 -2.21 -5.73
N ARG A 177 -30.81 -3.24 -5.25
CA ARG A 177 -31.92 -3.83 -5.98
C ARG A 177 -32.89 -2.74 -6.38
N GLU A 178 -32.77 -1.57 -5.74
CA GLU A 178 -33.57 -0.42 -6.10
C GLU A 178 -33.02 0.26 -7.36
N GLN A 179 -31.82 0.81 -7.21
CA GLN A 179 -31.15 1.59 -8.26
C GLN A 179 -30.98 0.78 -9.53
N ILE A 180 -30.92 -0.53 -9.39
CA ILE A 180 -30.81 -1.41 -10.54
C ILE A 180 -32.07 -1.35 -11.39
N ASN A 181 -33.22 -1.28 -10.74
CA ASN A 181 -34.48 -1.38 -11.47
C ASN A 181 -34.72 -0.26 -12.47
N ILE A 182 -34.24 0.94 -12.15
CA ILE A 182 -34.34 2.04 -13.11
C ILE A 182 -33.29 1.96 -14.21
N PRO A 184 -32.51 -0.57 -16.94
CA PRO A 184 -32.77 -1.71 -17.83
C PRO A 184 -31.54 -2.32 -18.52
N SER A 185 -30.55 -1.53 -18.93
CA SER A 185 -29.37 -2.09 -19.60
C SER A 185 -28.41 -2.76 -18.60
N LEU A 186 -28.73 -2.63 -17.32
CA LEU A 186 -27.96 -3.28 -16.27
C LEU A 186 -28.81 -4.38 -15.67
N LYS A 187 -30.00 -4.03 -15.22
CA LYS A 187 -30.95 -5.02 -14.74
C LYS A 187 -30.95 -6.27 -15.61
N ALA A 188 -30.64 -6.10 -16.89
CA ALA A 188 -30.67 -7.21 -17.85
C ALA A 188 -29.40 -8.02 -17.79
N HIS A 189 -28.38 -7.47 -17.16
CA HIS A 189 -27.09 -8.13 -17.04
C HIS A 189 -26.74 -8.38 -15.60
N PHE A 190 -27.74 -8.30 -14.73
CA PHE A 190 -27.45 -8.27 -13.32
C PHE A 190 -28.16 -9.38 -12.63
N THR A 191 -27.42 -10.15 -11.86
CA THR A 191 -28.08 -11.14 -11.04
C THR A 191 -27.62 -11.12 -9.58
N GLU A 192 -28.59 -11.21 -8.70
CA GLU A 192 -28.36 -11.28 -7.28
C GLU A 192 -28.32 -12.75 -6.81
N ILE A 193 -27.18 -13.15 -6.29
CA ILE A 193 -27.05 -14.43 -5.61
C ILE A 193 -27.11 -14.23 -4.10
N LYS A 194 -28.16 -14.78 -3.46
CA LYS A 194 -28.41 -14.62 -2.02
C LYS A 194 -27.99 -15.84 -1.23
N LEU A 195 -26.96 -15.70 -0.40
CA LEU A 195 -26.45 -16.79 0.44
C LEU A 195 -27.36 -17.13 1.63
N ASN A 196 -27.09 -18.25 2.30
CA ASN A 196 -27.95 -18.72 3.37
C ASN A 196 -27.93 -17.85 4.61
N LYS A 197 -29.12 -17.46 5.04
CA LYS A 197 -29.27 -16.60 6.21
C LYS A 197 -29.35 -17.48 7.46
N VAL A 198 -28.84 -16.94 8.56
CA VAL A 198 -28.69 -17.72 9.79
C VAL A 198 -29.98 -17.99 10.56
N ASP A 199 -31.01 -17.18 10.33
CA ASP A 199 -32.33 -17.33 10.98
C ASP A 199 -32.45 -16.53 12.28
N LYS A 200 -33.32 -15.52 12.26
CA LYS A 200 -33.40 -14.52 13.33
C LYS A 200 -33.52 -15.15 14.72
N ASN A 201 -34.60 -15.89 14.94
CA ASN A 201 -34.82 -16.55 16.21
C ASN A 201 -33.59 -17.28 16.72
N GLU A 202 -33.19 -18.34 16.03
CA GLU A 202 -32.02 -19.09 16.44
C GLU A 202 -30.84 -18.15 16.71
N LEU A 203 -30.67 -17.11 15.90
CA LEU A 203 -29.53 -16.21 16.08
C LEU A 203 -29.61 -15.48 17.41
N GLN A 204 -30.78 -14.92 17.73
CA GLN A 204 -30.87 -14.07 18.91
C GLN A 204 -30.79 -14.90 20.15
N GLN A 205 -31.35 -16.10 20.08
CA GLN A 205 -31.22 -17.05 21.17
C GLN A 205 -29.75 -17.37 21.48
N ILE A 207 -27.14 -15.24 21.01
CA ILE A 207 -26.57 -14.03 21.60
C ILE A 207 -26.95 -13.91 23.09
N ILE A 208 -28.18 -14.31 23.41
CA ILE A 208 -28.68 -14.20 24.77
C ILE A 208 -27.87 -15.14 25.61
N THR A 209 -27.87 -16.39 25.19
CA THR A 209 -27.06 -17.41 25.79
C THR A 209 -25.56 -17.05 25.81
N ARG A 210 -25.06 -16.45 24.74
CA ARG A 210 -23.67 -16.03 24.74
C ARG A 210 -23.47 -14.83 25.67
N LEU A 211 -24.53 -14.06 25.89
CA LEU A 211 -24.41 -12.94 26.83
C LEU A 211 -24.28 -13.44 28.25
N LYS A 212 -25.16 -14.35 28.66
CA LYS A 212 -25.09 -14.93 29.98
C LYS A 212 -23.65 -15.30 30.28
N SER A 213 -23.08 -16.12 29.40
CA SER A 213 -21.73 -16.62 29.59
C SER A 213 -20.68 -15.52 29.71
N LEU A 214 -20.79 -14.47 28.92
CA LEU A 214 -19.85 -13.35 28.98
C LEU A 214 -19.90 -12.61 30.31
N LEU A 215 -21.10 -12.46 30.85
CA LEU A 215 -21.34 -11.62 32.04
C LEU A 215 -21.11 -12.39 33.32
N LYS A 216 -19.85 -12.38 33.76
CA LYS A 216 -19.43 -13.09 34.95
C LYS A 216 -18.72 -12.05 35.80
N PRO A 217 -18.64 -12.26 37.13
CA PRO A 217 -18.04 -11.22 37.98
C PRO A 217 -16.71 -10.74 37.45
N PHE A 218 -16.31 -9.52 37.79
CA PHE A 218 -14.97 -9.08 37.45
C PHE A 218 -14.34 -8.36 38.64
N HIS A 219 -13.17 -7.77 38.46
CA HIS A 219 -12.44 -7.28 39.59
C HIS A 219 -11.84 -5.96 39.31
N VAL A 220 -11.97 -5.06 40.27
CA VAL A 220 -11.37 -3.75 40.18
C VAL A 220 -10.47 -3.56 41.37
N LYS A 221 -9.41 -2.78 41.19
CA LYS A 221 -8.45 -2.51 42.25
C LYS A 221 -8.46 -1.02 42.57
N VAL A 222 -8.69 -0.69 43.85
CA VAL A 222 -8.65 0.71 44.27
C VAL A 222 -7.32 1.14 44.90
N ASN A 223 -6.90 2.36 44.59
CA ASN A 223 -5.61 2.86 45.04
C ASN A 223 -5.72 3.81 46.22
N ASP A 224 -4.57 4.31 46.66
CA ASP A 224 -4.57 5.27 47.73
C ASP A 224 -5.19 6.56 47.23
N LYS A 225 -5.41 6.64 45.91
CA LYS A 225 -6.05 7.80 45.30
C LYS A 225 -7.56 7.70 45.27
N LYS A 226 -8.10 6.61 45.78
CA LYS A 226 -9.53 6.31 45.72
C LYS A 226 -10.02 6.11 44.29
N GLU A 227 -9.15 6.36 43.31
CA GLU A 227 -9.49 6.10 41.92
C GLU A 227 -9.77 4.59 41.72
N THR A 229 -9.72 1.09 39.03
CA THR A 229 -9.04 0.48 37.86
C THR A 229 -9.38 -1.00 37.78
N ILE A 230 -9.33 -1.58 36.59
CA ILE A 230 -9.60 -3.02 36.46
C ILE A 230 -8.42 -3.87 36.88
N TYR A 231 -8.69 -5.14 37.14
CA TYR A 231 -7.66 -6.01 37.63
C TYR A 231 -7.42 -7.18 36.67
N ASN A 232 -6.15 -7.46 36.38
CA ASN A 232 -5.75 -8.62 35.58
C ASN A 232 -6.18 -9.96 36.16
N ASN A 233 -7.49 -10.20 36.24
CA ASN A 233 -8.03 -11.45 36.76
C ASN A 233 -7.39 -11.92 38.06
N ILE A 242 -7.63 -12.83 45.86
CA ILE A 242 -7.00 -11.62 45.34
C ILE A 242 -6.51 -10.72 46.46
N PRO A 243 -5.71 -9.70 46.11
CA PRO A 243 -5.23 -8.72 47.09
C PRO A 243 -6.37 -8.08 47.85
N ASP A 244 -6.04 -7.37 48.93
CA ASP A 244 -7.04 -6.81 49.82
C ASP A 244 -7.68 -5.57 49.24
N ASN A 245 -6.92 -4.81 48.47
CA ASN A 245 -7.48 -3.65 47.81
C ASN A 245 -8.08 -3.97 46.43
N VAL A 246 -8.69 -5.14 46.27
CA VAL A 246 -9.37 -5.48 45.03
C VAL A 246 -10.71 -6.14 45.31
N ILE A 247 -11.75 -5.58 44.69
CA ILE A 247 -13.13 -5.95 44.97
C ILE A 247 -13.78 -6.61 43.77
N VAL A 248 -14.69 -7.53 44.05
CA VAL A 248 -15.45 -8.19 43.01
C VAL A 248 -16.63 -7.36 42.59
N ILE A 249 -16.89 -7.29 41.29
CA ILE A 249 -18.11 -6.68 40.77
C ILE A 249 -19.00 -7.63 39.96
N ASN A 250 -20.27 -7.66 40.30
CA ASN A 250 -21.31 -8.35 39.57
C ASN A 250 -21.64 -7.65 38.28
N HIS A 251 -21.69 -8.41 37.20
CA HIS A 251 -22.04 -7.90 35.88
C HIS A 251 -23.40 -8.45 35.49
N LYS A 252 -24.41 -7.61 35.45
CA LYS A 252 -25.74 -8.11 35.15
C LYS A 252 -26.43 -7.38 34.00
N ILE A 253 -27.55 -7.93 33.56
CA ILE A 253 -28.38 -7.32 32.54
C ILE A 253 -29.82 -7.76 32.73
N ASN A 254 -30.76 -6.84 32.56
CA ASN A 254 -32.16 -7.15 32.78
C ASN A 254 -32.63 -8.09 31.67
N ASN A 255 -33.56 -8.97 32.01
CA ASN A 255 -34.12 -9.87 31.02
C ASN A 255 -34.83 -9.17 29.85
N LYS A 256 -35.78 -8.31 30.15
CA LYS A 256 -36.52 -7.63 29.10
C LYS A 256 -35.59 -6.85 28.16
N ILE A 257 -34.44 -6.40 28.68
CA ILE A 257 -33.47 -5.66 27.87
C ILE A 257 -32.54 -6.54 27.00
N THR A 258 -32.24 -7.76 27.42
CA THR A 258 -31.51 -8.65 26.51
C THR A 258 -32.38 -8.90 25.31
N GLN A 259 -33.62 -9.30 25.58
CA GLN A 259 -34.57 -9.57 24.51
C GLN A 259 -34.36 -8.56 23.40
N LEU A 260 -34.48 -7.28 23.73
CA LEU A 260 -34.33 -6.21 22.76
C LEU A 260 -32.94 -6.19 22.11
N ILE A 261 -31.89 -6.13 22.92
CA ILE A 261 -30.53 -6.07 22.40
C ILE A 261 -30.17 -7.26 21.54
N ALA A 262 -30.65 -8.45 21.92
CA ALA A 262 -30.41 -9.65 21.14
C ALA A 262 -31.04 -9.44 19.79
N LYS A 263 -32.28 -8.97 19.77
CA LYS A 263 -33.00 -8.76 18.53
C LYS A 263 -32.27 -7.78 17.63
N ASN A 264 -31.94 -6.62 18.16
CA ASN A 264 -31.36 -5.58 17.33
C ASN A 264 -29.97 -5.96 16.86
N VAL A 265 -29.18 -6.55 17.74
CA VAL A 265 -27.84 -6.93 17.36
C VAL A 265 -27.94 -8.03 16.34
N ALA A 266 -28.93 -8.91 16.51
CA ALA A 266 -29.09 -10.02 15.61
C ALA A 266 -29.35 -9.41 14.26
N ASN A 267 -30.24 -8.44 14.22
CA ASN A 267 -30.58 -7.74 12.99
C ASN A 267 -29.36 -7.11 12.31
N VAL A 268 -28.63 -6.30 13.07
CA VAL A 268 -27.43 -5.64 12.61
C VAL A 268 -26.31 -6.61 12.21
N SER A 269 -26.38 -7.84 12.70
CA SER A 269 -25.30 -8.82 12.47
C SER A 269 -25.52 -9.78 11.31
N GLY A 270 -26.59 -10.57 11.37
CA GLY A 270 -26.87 -11.53 10.32
C GLY A 270 -25.95 -12.74 10.40
N SER A 271 -24.94 -12.65 11.25
CA SER A 271 -24.04 -13.78 11.48
C SER A 271 -23.53 -13.91 12.92
N THR A 272 -23.74 -15.11 13.48
CA THR A 272 -23.22 -15.50 14.78
C THR A 272 -21.80 -15.03 15.01
N GLU A 273 -20.97 -15.03 13.99
CA GLU A 273 -19.59 -14.60 14.17
C GLU A 273 -19.55 -13.11 14.49
N LYS A 274 -20.34 -12.31 13.74
CA LYS A 274 -20.35 -10.86 13.89
C LYS A 274 -21.00 -10.44 15.20
N ALA A 275 -22.04 -11.15 15.61
CA ALA A 275 -22.69 -10.87 16.88
C ALA A 275 -21.72 -11.06 18.05
N PHE A 276 -21.17 -12.27 18.17
CA PHE A 276 -20.24 -12.60 19.24
C PHE A 276 -19.05 -11.63 19.40
N LYS A 277 -18.51 -11.14 18.30
CA LYS A 277 -17.43 -10.15 18.39
C LYS A 277 -17.93 -8.89 19.10
N ILE A 278 -19.21 -8.61 18.91
CA ILE A 278 -19.84 -7.42 19.46
C ILE A 278 -20.11 -7.60 20.95
N CYS A 279 -20.77 -8.70 21.33
CA CYS A 279 -21.01 -9.00 22.74
C CYS A 279 -19.72 -8.93 23.50
N GLU A 280 -18.70 -9.57 22.98
CA GLU A 280 -17.42 -9.57 23.66
C GLU A 280 -16.96 -8.14 23.98
N ALA A 281 -17.14 -7.22 23.03
CA ALA A 281 -16.60 -5.86 23.18
C ALA A 281 -17.55 -4.91 23.93
N ALA A 282 -18.86 -5.12 23.78
CA ALA A 282 -19.83 -4.46 24.63
C ALA A 282 -19.46 -4.71 26.09
N VAL A 283 -19.15 -5.97 26.40
CA VAL A 283 -18.84 -6.38 27.76
C VAL A 283 -17.56 -5.74 28.24
N GLU A 284 -16.61 -5.55 27.35
CA GLU A 284 -15.35 -4.93 27.75
C GLU A 284 -15.55 -3.44 27.99
N ILE A 285 -16.52 -2.88 27.28
CA ILE A 285 -16.80 -1.46 27.39
C ILE A 285 -17.59 -1.27 28.68
N SER A 286 -18.64 -2.07 28.86
CA SER A 286 -19.46 -1.99 30.05
C SER A 286 -18.59 -2.01 31.31
N LYS A 287 -17.64 -2.94 31.36
CA LYS A 287 -16.67 -2.95 32.46
C LYS A 287 -15.94 -1.63 32.51
N LYS A 288 -15.39 -1.20 31.38
CA LYS A 288 -14.53 -0.02 31.40
C LYS A 288 -15.30 1.16 31.97
N ASP A 289 -16.62 1.03 31.96
CA ASP A 289 -17.49 2.12 32.39
C ASP A 289 -17.71 2.10 33.87
N PHE A 290 -17.90 0.92 34.43
CA PHE A 290 -18.10 0.80 35.86
C PHE A 290 -16.98 1.52 36.60
N VAL A 291 -15.76 1.39 36.09
CA VAL A 291 -14.65 2.03 36.77
C VAL A 291 -14.67 3.54 36.55
N ARG A 292 -15.23 3.98 35.44
CA ARG A 292 -15.46 5.41 35.25
C ARG A 292 -16.37 5.87 36.37
N LYS A 293 -17.57 5.28 36.41
CA LYS A 293 -18.57 5.68 37.39
C LYS A 293 -18.01 5.82 38.82
N GLY A 294 -16.92 5.11 39.12
CA GLY A 294 -16.21 5.27 40.37
C GLY A 294 -16.98 4.74 41.57
N GLY A 295 -18.07 4.03 41.32
CA GLY A 295 -18.84 3.41 42.38
C GLY A 295 -19.88 4.34 42.98
N LEU A 296 -19.86 5.59 42.52
CA LEU A 296 -20.77 6.63 42.98
C LEU A 296 -21.24 7.38 41.75
N GLN A 297 -22.55 7.39 41.49
CA GLN A 297 -23.05 8.20 40.39
C GLN A 297 -24.47 8.74 40.54
N LYS A 298 -24.62 10.02 40.20
CA LYS A 298 -25.89 10.70 40.27
C LYS A 298 -26.63 10.36 41.55
N GLY A 299 -25.96 10.52 42.70
CA GLY A 299 -26.60 10.40 43.99
C GLY A 299 -26.51 9.05 44.69
N LYS A 300 -26.94 7.98 44.03
CA LYS A 300 -26.90 6.64 44.60
C LYS A 300 -25.53 6.04 44.38
N LEU A 301 -25.18 5.00 45.14
CA LEU A 301 -23.89 4.35 44.88
C LEU A 301 -23.95 3.05 44.05
N VAL A 302 -22.92 2.85 43.23
CA VAL A 302 -22.90 1.75 42.26
C VAL A 302 -21.98 0.61 42.72
N VAL A 303 -22.57 -0.55 42.91
CA VAL A 303 -21.87 -1.65 43.49
C VAL A 303 -21.71 -2.80 42.50
N SER A 304 -22.65 -2.89 41.56
CA SER A 304 -22.59 -3.84 40.46
C SER A 304 -22.74 -3.06 39.16
N GLN A 305 -22.51 -3.71 38.02
CA GLN A 305 -22.61 -3.05 36.72
C GLN A 305 -23.81 -3.55 35.93
N GLU A 306 -24.59 -2.63 35.37
CA GLU A 306 -25.73 -3.03 34.55
C GLU A 306 -25.42 -2.81 33.09
N VAL A 308 -26.22 -1.84 29.44
CA VAL A 308 -27.17 -1.02 28.68
C VAL A 308 -26.82 -0.96 27.20
N PRO A 309 -27.85 -0.78 26.33
CA PRO A 309 -27.68 -0.89 24.87
C PRO A 309 -26.66 0.09 24.30
N ARG A 310 -26.37 1.17 24.99
CA ARG A 310 -25.41 2.08 24.42
C ARG A 310 -24.04 1.42 24.36
N TYR A 311 -23.80 0.47 25.27
CA TYR A 311 -22.55 -0.26 25.26
C TYR A 311 -22.33 -1.07 23.98
N PHE A 312 -23.44 -1.54 23.40
CA PHE A 312 -23.42 -2.24 22.13
C PHE A 312 -23.24 -1.33 20.95
N SER A 313 -23.94 -0.19 20.95
CA SER A 313 -23.72 0.76 19.88
C SER A 313 -22.25 1.15 19.82
N GLU A 314 -21.68 1.50 20.96
CA GLU A 314 -20.24 1.77 20.99
C GLU A 314 -19.37 0.60 20.48
N ALA A 315 -19.72 -0.62 20.91
CA ALA A 315 -19.06 -1.79 20.38
C ALA A 315 -19.10 -1.82 18.85
N ILE A 316 -20.28 -1.61 18.27
CA ILE A 316 -20.42 -1.61 16.81
C ILE A 316 -19.53 -0.56 16.14
N ASN A 317 -19.41 0.62 16.73
CA ASN A 317 -18.63 1.66 16.10
C ASN A 317 -17.69 2.41 17.03
N PRO B 2 15.55 17.52 -49.45
CA PRO B 2 14.92 16.18 -49.46
C PRO B 2 15.31 15.29 -48.26
N ASN B 3 16.45 14.63 -48.37
CA ASN B 3 17.03 13.83 -47.27
C ASN B 3 17.58 14.79 -46.21
N ALA B 4 18.84 15.16 -46.33
CA ALA B 4 19.41 16.24 -45.53
C ALA B 4 19.27 16.02 -44.03
N ASP B 5 18.18 15.35 -43.64
CA ASP B 5 17.97 14.93 -42.26
C ASP B 5 18.72 13.62 -42.04
N ILE B 6 19.30 13.15 -43.15
CA ILE B 6 20.14 11.97 -43.13
C ILE B 6 21.59 12.41 -43.24
N ASN B 7 22.11 12.95 -42.14
CA ASN B 7 23.50 13.38 -42.10
C ASN B 7 24.38 12.38 -41.36
N LEU B 8 25.44 11.92 -42.03
CA LEU B 8 26.29 10.89 -41.45
C LEU B 8 27.04 11.36 -40.19
N GLU B 9 27.62 12.55 -40.22
CA GLU B 9 28.29 13.10 -39.04
C GLU B 9 27.33 13.10 -37.85
N GLU B 10 26.10 13.53 -38.09
CA GLU B 10 25.16 13.72 -36.99
C GLU B 10 24.82 12.39 -36.38
N SER B 11 24.50 11.40 -37.21
CA SER B 11 24.02 10.15 -36.64
C SER B 11 25.13 9.38 -35.94
N ILE B 12 26.34 9.44 -36.48
CA ILE B 12 27.48 8.87 -35.78
C ILE B 12 27.57 9.41 -34.37
N ARG B 13 27.55 10.72 -34.21
CA ARG B 13 27.66 11.32 -32.89
C ARG B 13 26.49 10.88 -32.03
N GLU B 14 25.29 10.83 -32.62
CA GLU B 14 24.12 10.41 -31.88
C GLU B 14 24.28 8.96 -31.42
N SER B 15 24.91 8.16 -32.28
CA SER B 15 25.07 6.73 -32.04
C SER B 15 26.16 6.40 -31.06
N LEU B 16 27.29 7.09 -31.16
CA LEU B 16 28.34 6.90 -30.16
C LEU B 16 27.78 7.23 -28.78
N GLN B 17 26.86 8.18 -28.75
CA GLN B 17 26.23 8.59 -27.52
C GLN B 17 25.33 7.47 -27.04
N LYS B 18 24.51 6.92 -27.93
CA LYS B 18 23.60 5.84 -27.54
C LYS B 18 24.43 4.64 -27.07
N ARG B 19 25.51 4.36 -27.79
CA ARG B 19 26.40 3.28 -27.43
C ARG B 19 27.01 3.51 -26.07
N GLU B 20 27.45 4.73 -25.80
CA GLU B 20 28.06 5.05 -24.54
C GLU B 20 27.10 4.78 -23.41
N LEU B 21 25.88 5.26 -23.58
CA LEU B 21 24.85 5.06 -22.58
C LEU B 21 24.67 3.57 -22.28
N LEU B 22 24.61 2.79 -23.35
CA LEU B 22 24.34 1.37 -23.31
C LEU B 22 25.41 0.56 -22.60
N LYS B 23 26.63 0.68 -23.09
CA LYS B 23 27.78 0.14 -22.39
C LYS B 23 27.72 0.48 -20.91
N SER B 24 27.30 1.69 -20.58
CA SER B 24 27.31 2.15 -19.20
C SER B 24 26.31 1.37 -18.39
N GLN B 25 25.12 1.19 -18.96
CA GLN B 25 24.05 0.54 -18.24
C GLN B 25 24.33 -0.93 -18.05
N VAL B 26 25.06 -1.52 -18.99
CA VAL B 26 25.38 -2.94 -18.89
C VAL B 26 26.47 -3.12 -17.85
N GLU B 27 27.40 -2.18 -17.81
CA GLU B 27 28.37 -2.19 -16.72
C GLU B 27 27.74 -2.01 -15.33
N ASP B 28 26.70 -1.19 -15.21
CA ASP B 28 26.09 -1.02 -13.91
C ASP B 28 25.18 -2.19 -13.56
N PHE B 29 24.60 -2.82 -14.56
CA PHE B 29 23.74 -3.96 -14.30
C PHE B 29 24.60 -5.10 -13.75
N THR B 30 25.76 -5.28 -14.37
CA THR B 30 26.67 -6.33 -13.98
C THR B 30 27.16 -6.12 -12.56
N ARG B 31 27.75 -4.96 -12.27
CA ARG B 31 28.26 -4.66 -10.92
C ARG B 31 27.28 -5.05 -9.83
N ILE B 32 25.99 -4.98 -10.13
CA ILE B 32 24.98 -5.28 -9.16
C ILE B 32 24.73 -6.76 -9.20
N PHE B 33 24.50 -7.27 -10.40
CA PHE B 33 24.12 -8.66 -10.56
C PHE B 33 25.16 -9.62 -10.00
N LEU B 34 26.41 -9.47 -10.44
CA LEU B 34 27.44 -10.42 -10.07
C LEU B 34 27.49 -10.74 -8.57
N PRO B 35 27.79 -9.73 -7.74
CA PRO B 35 27.94 -10.03 -6.31
C PRO B 35 26.66 -10.57 -5.74
N ILE B 36 25.55 -9.91 -6.03
CA ILE B 36 24.30 -10.33 -5.43
C ILE B 36 23.98 -11.79 -5.76
N TYR B 37 24.20 -12.15 -7.02
CA TYR B 37 23.99 -13.51 -7.51
C TYR B 37 24.83 -14.53 -6.76
N ASP B 38 26.12 -14.28 -6.67
CA ASP B 38 27.00 -15.05 -5.82
C ASP B 38 26.41 -15.24 -4.41
N SER B 39 26.48 -14.21 -3.58
CA SER B 39 25.77 -14.19 -2.31
C SER B 39 24.61 -15.20 -2.24
N LEU B 40 23.81 -15.28 -3.29
CA LEU B 40 22.59 -16.06 -3.27
C LEU B 40 22.87 -17.52 -3.54
N SER B 42 25.63 -19.12 -3.33
CA SER B 42 26.49 -19.66 -2.29
C SER B 42 25.90 -19.47 -0.89
N SER B 43 24.58 -19.42 -0.82
CA SER B 43 23.80 -19.28 0.41
C SER B 43 24.47 -18.55 1.60
N GLN B 44 25.00 -17.34 1.35
CA GLN B 44 25.60 -16.56 2.43
C GLN B 44 24.98 -15.19 2.61
N ASN B 45 25.03 -14.68 3.82
CA ASN B 45 24.35 -13.43 4.16
C ASN B 45 25.25 -12.21 4.04
N LYS B 46 24.72 -11.20 3.39
CA LYS B 46 25.49 -10.03 3.07
C LYS B 46 24.65 -8.78 3.23
N LEU B 47 25.32 -7.68 3.50
CA LEU B 47 24.72 -6.37 3.41
C LEU B 47 25.36 -5.69 2.22
N PHE B 48 24.55 -5.33 1.23
CA PHE B 48 25.12 -4.61 0.11
C PHE B 48 24.72 -3.16 0.15
N TYR B 49 25.68 -2.30 -0.13
CA TYR B 49 25.33 -0.91 -0.24
C TYR B 49 25.65 -0.49 -1.63
N ILE B 50 24.60 -0.23 -2.40
CA ILE B 50 24.75 0.34 -3.73
C ILE B 50 24.75 1.86 -3.66
N THR B 51 25.88 2.45 -4.00
CA THR B 51 26.03 3.88 -3.96
C THR B 51 26.17 4.48 -5.36
N ASN B 52 26.02 5.80 -5.45
CA ASN B 52 26.03 6.54 -6.70
C ASN B 52 24.76 6.37 -7.47
N ALA B 53 23.69 5.99 -6.78
CA ALA B 53 22.39 5.89 -7.42
C ALA B 53 21.73 7.26 -7.36
N ASP B 54 22.25 8.17 -8.18
CA ASP B 54 21.91 9.59 -8.16
C ASP B 54 20.81 9.98 -9.16
N ASP B 55 20.36 9.03 -9.97
CA ASP B 55 19.27 9.34 -10.89
C ASP B 55 18.22 8.24 -10.86
N SER B 56 17.08 8.45 -11.50
CA SER B 56 16.00 7.48 -11.42
C SER B 56 16.20 6.26 -12.32
N THR B 57 17.06 6.41 -13.34
CA THR B 57 17.32 5.29 -14.22
C THR B 57 18.20 4.33 -13.48
N LYS B 58 18.96 4.87 -12.54
CA LYS B 58 19.87 4.08 -11.73
C LYS B 58 19.09 3.17 -10.82
N PHE B 59 18.03 3.70 -10.21
CA PHE B 59 17.18 2.87 -9.41
C PHE B 59 16.45 1.90 -10.28
N GLN B 60 16.24 2.28 -11.53
CA GLN B 60 15.55 1.45 -12.48
C GLN B 60 16.32 0.16 -12.74
N LEU B 61 17.60 0.36 -13.00
CA LEU B 61 18.58 -0.70 -13.11
C LEU B 61 18.61 -1.68 -11.92
N VAL B 62 18.64 -1.17 -10.68
CA VAL B 62 18.66 -2.03 -9.52
C VAL B 62 17.43 -2.90 -9.54
N ASN B 63 16.30 -2.31 -9.88
CA ASN B 63 15.06 -3.07 -10.03
C ASN B 63 15.09 -4.08 -11.17
N ASP B 64 15.94 -3.82 -12.15
CA ASP B 64 16.09 -4.74 -13.25
C ASP B 64 16.83 -5.98 -12.84
N VAL B 65 17.89 -5.76 -12.07
CA VAL B 65 18.68 -6.83 -11.52
C VAL B 65 17.78 -7.68 -10.63
N ASP B 67 14.43 -8.18 -10.77
CA ASP B 67 13.42 -8.97 -11.47
C ASP B 67 14.08 -10.17 -12.10
N GLU B 68 15.35 -10.01 -12.41
CA GLU B 68 16.12 -11.02 -13.09
C GLU B 68 16.48 -12.13 -12.10
N LEU B 69 16.98 -11.72 -10.94
CA LEU B 69 17.24 -12.65 -9.85
C LEU B 69 15.98 -13.38 -9.44
N ILE B 70 14.91 -12.65 -9.15
CA ILE B 70 13.64 -13.27 -8.78
C ILE B 70 13.16 -14.30 -9.81
N THR B 71 13.45 -14.03 -11.08
CA THR B 71 13.16 -14.96 -12.14
C THR B 71 13.99 -16.23 -12.01
N SER B 72 15.31 -16.09 -11.92
CA SER B 72 16.21 -17.22 -11.82
C SER B 72 15.90 -18.13 -10.63
N SER B 73 15.10 -17.64 -9.69
CA SER B 73 14.73 -18.46 -8.54
C SER B 73 13.46 -19.25 -8.90
N ALA B 74 12.59 -18.59 -9.66
CA ALA B 74 11.40 -19.23 -10.21
C ALA B 74 11.81 -20.37 -11.12
N ARG B 75 12.83 -20.14 -11.95
CA ARG B 75 13.37 -21.19 -12.81
C ARG B 75 14.27 -22.10 -11.99
N LYS B 76 13.90 -22.29 -10.71
CA LYS B 76 14.66 -23.05 -9.71
C LYS B 76 16.17 -23.16 -9.94
N GLU B 77 16.76 -22.11 -10.49
CA GLU B 77 18.16 -22.10 -10.89
C GLU B 77 18.98 -21.33 -9.84
N LEU B 78 18.26 -20.87 -8.84
CA LEU B 78 18.82 -20.13 -7.73
C LEU B 78 18.04 -20.61 -6.51
N PRO B 79 18.69 -20.69 -5.34
CA PRO B 79 17.94 -21.13 -4.17
C PRO B 79 16.72 -20.27 -4.02
N ILE B 80 15.64 -20.82 -3.47
CA ILE B 80 14.44 -20.03 -3.23
C ILE B 80 14.73 -18.89 -2.26
N PHE B 81 14.15 -17.72 -2.55
CA PHE B 81 14.22 -16.57 -1.66
C PHE B 81 12.99 -15.68 -1.82
N ASP B 82 12.60 -15.03 -0.73
CA ASP B 82 11.48 -14.09 -0.73
C ASP B 82 12.01 -12.67 -0.80
N TYR B 83 11.48 -11.87 -1.72
CA TYR B 83 11.93 -10.49 -1.87
C TYR B 83 10.98 -9.52 -1.19
N ILE B 84 11.55 -8.61 -0.40
CA ILE B 84 10.78 -7.55 0.23
C ILE B 84 11.27 -6.24 -0.34
N HIS B 85 10.37 -5.44 -0.89
CA HIS B 85 10.80 -4.14 -1.39
C HIS B 85 10.37 -2.99 -0.49
N ILE B 86 11.28 -2.06 -0.23
CA ILE B 86 10.97 -0.95 0.69
C ILE B 86 11.63 0.39 0.34
N ASP B 87 10.79 1.42 0.13
CA ASP B 87 11.27 2.80 -0.05
C ASP B 87 11.39 3.54 1.29
N ALA B 88 12.61 3.89 1.68
CA ALA B 88 12.85 4.56 2.96
C ALA B 88 12.16 5.95 3.12
N LEU B 89 11.54 6.43 2.05
CA LEU B 89 10.69 7.61 2.17
C LEU B 89 9.27 7.14 2.52
N GLU B 90 9.07 6.97 3.83
CA GLU B 90 7.81 6.50 4.39
C GLU B 90 8.03 6.01 5.83
N ASP B 95 10.79 3.86 12.96
CA ASP B 95 10.56 2.53 13.54
C ASP B 95 9.45 1.87 12.75
N ALA B 96 8.97 2.58 11.73
CA ALA B 96 7.94 2.07 10.83
C ALA B 96 8.60 1.06 9.90
N LEU B 97 9.91 1.01 9.97
CA LEU B 97 10.67 0.05 9.20
C LEU B 97 10.32 -1.36 9.67
N TYR B 98 10.60 -1.62 10.94
CA TYR B 98 10.33 -2.91 11.54
C TYR B 98 8.89 -3.33 11.29
N GLU B 99 7.96 -2.43 11.55
CA GLU B 99 6.56 -2.71 11.27
C GLU B 99 6.34 -3.18 9.82
N LYS B 100 7.25 -2.79 8.92
CA LYS B 100 7.09 -3.12 7.51
C LYS B 100 7.74 -4.44 7.16
N ILE B 101 8.88 -4.71 7.78
CA ILE B 101 9.59 -5.95 7.52
C ILE B 101 8.88 -7.12 8.15
N TRP B 102 8.45 -6.95 9.38
CA TRP B 102 7.70 -8.00 10.04
C TRP B 102 6.37 -8.23 9.33
N PHE B 103 5.76 -7.17 8.82
CA PHE B 103 4.52 -7.39 8.09
C PHE B 103 4.82 -8.16 6.81
N ALA B 104 5.97 -7.86 6.22
CA ALA B 104 6.39 -8.49 4.97
C ALA B 104 6.68 -9.96 5.19
N ILE B 105 6.74 -10.37 6.45
CA ILE B 105 6.96 -11.76 6.78
C ILE B 105 5.68 -12.43 7.27
N SER B 106 4.62 -11.66 7.50
CA SER B 106 3.36 -12.23 8.02
C SER B 106 2.12 -11.31 7.97
N LYS B 107 1.96 -10.48 9.00
CA LYS B 107 0.79 -9.64 9.16
C LYS B 107 0.58 -9.30 10.64
N LEU B 110 0.12 -5.50 12.32
CA LEU B 110 1.40 -4.82 12.41
C LEU B 110 2.08 -4.93 13.77
N CYS B 111 2.49 -3.78 14.33
CA CYS B 111 3.12 -3.76 15.63
C CYS B 111 3.58 -2.41 16.18
N GLY B 112 4.89 -2.19 16.16
CA GLY B 112 5.47 -0.99 16.73
C GLY B 112 6.80 -1.28 17.41
N ASP B 113 6.81 -1.26 18.74
CA ASP B 113 8.01 -1.55 19.47
C ASP B 113 8.18 -3.05 19.58
N ILE B 114 7.05 -3.75 19.52
CA ILE B 114 7.04 -5.20 19.61
C ILE B 114 7.40 -5.81 18.27
N SER B 115 6.84 -5.28 17.19
CA SER B 115 7.19 -5.74 15.86
C SER B 115 8.70 -5.96 15.77
N LEU B 116 9.47 -5.03 16.31
CA LEU B 116 10.92 -5.19 16.35
C LEU B 116 11.34 -6.40 17.20
N GLU B 117 10.86 -6.47 18.43
CA GLU B 117 11.18 -7.59 19.31
C GLU B 117 10.89 -8.93 18.65
N ALA B 118 9.78 -8.99 17.92
CA ALA B 118 9.36 -10.21 17.24
C ALA B 118 10.30 -10.59 16.09
N LEU B 119 10.74 -9.57 15.35
CA LEU B 119 11.63 -9.77 14.22
C LEU B 119 13.00 -10.19 14.71
N ASN B 120 13.54 -9.46 15.68
CA ASN B 120 14.79 -9.85 16.31
C ASN B 120 14.82 -11.33 16.61
N PHE B 121 13.67 -11.85 17.01
CA PHE B 121 13.53 -13.24 17.38
C PHE B 121 13.67 -14.12 16.16
N TYR B 122 12.69 -14.01 15.27
CA TYR B 122 12.65 -14.76 14.04
C TYR B 122 14.02 -14.88 13.41
N ILE B 123 14.70 -13.76 13.25
CA ILE B 123 15.96 -13.78 12.51
C ILE B 123 17.08 -14.50 13.23
N THR B 124 17.23 -14.20 14.52
CA THR B 124 18.39 -14.69 15.25
C THR B 124 18.08 -15.91 16.08
N ASN B 125 16.80 -16.16 16.35
CA ASN B 125 16.40 -17.38 17.05
C ASN B 125 16.05 -18.53 16.12
N VAL B 126 14.78 -18.65 15.72
CA VAL B 126 14.36 -19.78 14.89
C VAL B 126 15.39 -20.13 13.81
N PRO B 127 15.72 -21.42 13.70
CA PRO B 127 16.84 -21.98 12.91
C PRO B 127 16.75 -21.89 11.38
N LYS B 128 17.92 -21.70 10.76
CA LYS B 128 18.06 -21.69 9.30
C LYS B 128 17.12 -22.67 8.62
N ALA B 129 16.92 -23.82 9.26
CA ALA B 129 16.16 -24.89 8.65
C ALA B 129 14.74 -24.44 8.30
N LYS B 130 13.98 -24.08 9.34
CA LYS B 130 12.55 -23.77 9.21
C LYS B 130 12.25 -22.41 8.58
N LYS B 131 13.23 -21.83 7.88
CA LYS B 131 13.10 -20.49 7.29
C LYS B 131 13.32 -20.53 5.80
N ARG B 132 12.85 -19.48 5.12
CA ARG B 132 12.82 -19.47 3.67
C ARG B 132 14.02 -18.76 3.06
N LYS B 133 14.41 -17.64 3.64
CA LYS B 133 15.50 -16.84 3.12
C LYS B 133 14.99 -15.60 2.42
N THR B 134 15.15 -14.47 3.08
CA THR B 134 14.58 -13.27 2.52
C THR B 134 15.68 -12.34 2.09
N LEU B 135 15.38 -11.55 1.05
CA LEU B 135 16.27 -10.54 0.52
C LEU B 135 15.54 -9.19 0.59
N ILE B 136 16.09 -8.24 1.34
CA ILE B 136 15.41 -6.97 1.53
C ILE B 136 16.14 -5.85 0.85
N LEU B 137 15.40 -5.09 0.07
CA LEU B 137 15.94 -3.98 -0.70
C LEU B 137 15.41 -2.68 -0.11
N ILE B 138 16.30 -1.88 0.48
CA ILE B 138 15.89 -0.60 1.03
C ILE B 138 16.38 0.55 0.16
N GLN B 139 15.43 1.26 -0.46
CA GLN B 139 15.73 2.43 -1.29
C GLN B 139 15.94 3.65 -0.42
N ASN B 140 16.97 4.42 -0.72
CA ASN B 140 17.19 5.69 -0.05
C ASN B 140 17.33 5.54 1.44
N PRO B 141 18.39 4.84 1.87
CA PRO B 141 18.66 4.65 3.29
C PRO B 141 19.11 5.95 3.98
N GLU B 142 20.13 6.61 3.40
CA GLU B 142 20.80 7.77 4.01
C GLU B 142 20.12 8.36 5.25
N ASN B 143 18.99 9.05 5.05
CA ASN B 143 18.25 9.62 6.17
C ASN B 143 17.22 8.62 6.66
N LEU B 144 17.63 7.76 7.59
CA LEU B 144 16.79 6.69 8.08
C LEU B 144 17.58 5.42 8.36
N LEU B 145 18.86 5.57 8.66
CA LEU B 145 19.74 4.45 8.98
C LEU B 145 20.72 4.78 10.09
N SER B 146 20.22 4.91 11.32
CA SER B 146 21.05 5.23 12.48
C SER B 146 22.05 4.13 12.80
N GLU B 147 22.73 4.21 13.94
CA GLU B 147 23.65 3.15 14.34
C GLU B 147 22.96 2.11 15.20
N LYS B 148 21.71 2.38 15.59
CA LYS B 148 20.94 1.37 16.30
C LYS B 148 20.63 0.26 15.33
N ILE B 149 19.87 0.61 14.29
CA ILE B 149 19.50 -0.36 13.26
C ILE B 149 20.72 -0.80 12.48
N LEU B 150 21.73 0.05 12.41
CA LEU B 150 23.00 -0.36 11.82
C LEU B 150 23.52 -1.56 12.59
N GLN B 151 23.27 -1.60 13.89
CA GLN B 151 23.78 -2.68 14.71
C GLN B 151 22.98 -3.95 14.47
N TYR B 152 21.66 -3.79 14.50
CA TYR B 152 20.75 -4.89 14.22
C TYR B 152 21.15 -5.62 12.95
N PHE B 153 21.39 -4.87 11.89
CA PHE B 153 21.92 -5.44 10.68
C PHE B 153 23.17 -6.27 10.91
N GLU B 154 24.03 -5.82 11.80
CA GLU B 154 25.20 -6.61 12.15
C GLU B 154 24.76 -7.89 12.88
N LYS B 155 23.71 -7.79 13.67
CA LYS B 155 23.25 -8.95 14.44
C LYS B 155 22.53 -9.90 13.51
N TRP B 156 21.47 -9.40 12.90
CA TRP B 156 20.64 -10.20 12.01
C TRP B 156 21.41 -10.88 10.90
N ILE B 157 22.32 -10.15 10.26
CA ILE B 157 23.04 -10.71 9.14
C ILE B 157 24.08 -11.70 9.63
N SER B 158 24.51 -11.54 10.89
CA SER B 158 25.50 -12.43 11.50
C SER B 158 24.88 -13.66 12.17
N SER B 159 23.95 -13.43 13.09
CA SER B 159 23.23 -14.50 13.80
C SER B 159 23.11 -15.80 13.01
N LYS B 160 23.36 -16.91 13.69
CA LYS B 160 23.65 -18.20 13.06
C LYS B 160 22.58 -18.68 12.10
N ASN B 161 21.32 -18.32 12.35
CA ASN B 161 20.21 -18.85 11.59
C ASN B 161 19.49 -17.75 10.85
N SER B 162 20.29 -16.94 10.16
CA SER B 162 19.85 -15.67 9.62
C SER B 162 19.02 -15.81 8.35
N LYS B 163 19.57 -16.49 7.35
CA LYS B 163 18.89 -16.57 6.07
C LYS B 163 18.39 -15.21 5.60
N LEU B 164 19.24 -14.19 5.66
CA LEU B 164 18.83 -12.85 5.29
C LEU B 164 19.97 -12.09 4.64
N SER B 165 19.69 -11.44 3.51
CA SER B 165 20.58 -10.39 2.99
C SER B 165 19.81 -9.09 2.85
N ILE B 166 20.51 -7.98 2.99
CA ILE B 166 19.88 -6.66 2.83
C ILE B 166 20.62 -5.84 1.82
N ILE B 167 19.86 -5.19 0.95
CA ILE B 167 20.45 -4.34 -0.11
C ILE B 167 19.95 -2.92 0.05
N CYS B 168 20.89 -1.98 0.10
CA CYS B 168 20.55 -0.56 0.18
C CYS B 168 21.01 0.12 -1.08
N VAL B 169 20.18 1.03 -1.58
CA VAL B 169 20.51 1.78 -2.77
C VAL B 169 20.40 3.21 -2.41
N GLY B 170 21.46 3.97 -2.60
CA GLY B 170 21.38 5.38 -2.30
C GLY B 170 22.30 6.28 -3.07
N GLY B 171 22.12 7.58 -2.89
CA GLY B 171 22.99 8.55 -3.48
C GLY B 171 24.39 8.47 -2.91
N HIS B 172 25.33 9.15 -3.57
CA HIS B 172 26.72 9.20 -3.14
C HIS B 172 26.89 9.73 -1.72
N ASN B 173 25.87 10.46 -1.24
CA ASN B 173 25.86 10.97 0.12
C ASN B 173 25.82 9.83 1.12
N VAL B 174 26.89 9.04 1.11
CA VAL B 174 26.97 7.83 1.93
C VAL B 174 28.15 7.94 2.88
N THR B 175 27.84 7.96 4.17
CA THR B 175 28.82 8.23 5.22
C THR B 175 29.04 6.96 6.04
N ILE B 176 28.26 5.96 5.69
CA ILE B 176 28.18 4.71 6.41
C ILE B 176 29.48 3.92 6.27
N ARG B 177 30.29 4.26 5.27
CA ARG B 177 31.55 3.56 5.06
C ARG B 177 32.42 3.61 6.30
N GLU B 178 32.17 4.60 7.15
CA GLU B 178 32.92 4.81 8.37
C GLU B 178 32.34 4.02 9.53
N GLN B 179 31.07 4.26 9.83
CA GLN B 179 30.39 3.54 10.89
C GLN B 179 30.72 2.03 10.89
N ILE B 180 30.87 1.45 9.71
CA ILE B 180 31.18 0.02 9.59
C ILE B 180 32.64 -0.24 9.89
N ASN B 181 33.49 0.70 9.52
CA ASN B 181 34.92 0.59 9.85
C ASN B 181 35.14 -0.14 11.20
N ILE B 182 34.49 0.34 12.27
CA ILE B 182 34.69 -0.25 13.60
C ILE B 182 34.07 -1.65 13.75
N PRO B 184 33.44 -5.07 13.22
CA PRO B 184 34.18 -6.05 12.42
C PRO B 184 33.31 -7.23 11.95
N SER B 185 32.24 -7.55 12.68
CA SER B 185 31.32 -8.62 12.25
C SER B 185 30.63 -8.19 10.96
N LEU B 186 30.06 -6.99 10.97
CA LEU B 186 29.37 -6.45 9.80
C LEU B 186 30.33 -6.29 8.63
N LYS B 187 31.49 -5.69 8.88
CA LYS B 187 32.46 -5.46 7.82
C LYS B 187 32.68 -6.72 6.99
N ALA B 188 32.51 -7.89 7.60
CA ALA B 188 32.83 -9.14 6.92
C ALA B 188 31.65 -9.64 6.07
N HIS B 189 30.48 -9.09 6.38
CA HIS B 189 29.26 -9.37 5.64
C HIS B 189 28.87 -8.22 4.72
N PHE B 190 29.75 -7.26 4.54
CA PHE B 190 29.34 -6.02 3.91
C PHE B 190 30.14 -5.74 2.66
N THR B 191 29.46 -5.60 1.54
CA THR B 191 30.14 -5.11 0.36
C THR B 191 29.49 -3.86 -0.26
N GLU B 192 30.35 -2.95 -0.68
CA GLU B 192 29.87 -1.73 -1.29
C GLU B 192 29.99 -1.85 -2.79
N ILE B 193 28.87 -1.76 -3.48
CA ILE B 193 28.85 -1.78 -4.95
C ILE B 193 28.71 -0.34 -5.45
N LYS B 194 29.69 0.17 -6.17
CA LYS B 194 29.59 1.57 -6.59
C LYS B 194 29.34 1.78 -8.07
N LEU B 195 28.15 2.30 -8.37
CA LEU B 195 27.71 2.51 -9.73
C LEU B 195 28.54 3.56 -10.45
N ASN B 196 28.50 3.53 -11.78
CA ASN B 196 29.16 4.53 -12.61
C ASN B 196 28.72 5.93 -12.26
N LYS B 197 29.70 6.77 -11.90
CA LYS B 197 29.46 8.17 -11.57
C LYS B 197 29.80 8.99 -12.81
N VAL B 198 29.15 10.14 -13.00
CA VAL B 198 29.48 11.00 -14.14
C VAL B 198 30.95 11.38 -14.06
N ASP B 199 31.24 12.67 -14.02
CA ASP B 199 32.62 13.10 -14.05
C ASP B 199 32.69 14.59 -13.77
N LYS B 200 33.40 14.95 -12.70
CA LYS B 200 33.38 16.31 -12.17
C LYS B 200 33.33 17.35 -13.28
N ASN B 201 34.38 17.41 -14.09
CA ASN B 201 34.50 18.46 -15.07
C ASN B 201 33.40 18.45 -16.11
N GLU B 202 33.16 17.29 -16.70
CA GLU B 202 32.13 17.20 -17.72
C GLU B 202 30.75 17.47 -17.18
N LEU B 203 30.51 17.18 -15.91
CA LEU B 203 29.19 17.45 -15.36
C LEU B 203 29.03 18.95 -15.19
N GLN B 204 30.10 19.60 -14.76
CA GLN B 204 30.03 21.01 -14.53
C GLN B 204 29.94 21.77 -15.84
N GLN B 205 30.68 21.31 -16.85
CA GLN B 205 30.50 21.84 -18.18
C GLN B 205 29.05 21.72 -18.65
N ILE B 207 26.53 21.68 -16.93
CA ILE B 207 25.75 22.60 -16.09
C ILE B 207 25.87 24.07 -16.54
N ILE B 208 27.10 24.48 -16.80
CA ILE B 208 27.39 25.79 -17.31
C ILE B 208 26.58 26.03 -18.57
N THR B 209 26.72 25.15 -19.56
CA THR B 209 26.01 25.37 -20.80
C THR B 209 24.48 25.18 -20.67
N ARG B 210 24.04 24.27 -19.82
CA ARG B 210 22.61 24.16 -19.57
C ARG B 210 22.13 25.45 -18.92
N LEU B 211 23.03 26.10 -18.21
CA LEU B 211 22.68 27.32 -17.53
C LEU B 211 22.62 28.43 -18.55
N LYS B 212 23.66 28.51 -19.39
CA LYS B 212 23.65 29.36 -20.58
C LYS B 212 22.26 29.46 -21.22
N SER B 213 21.71 28.31 -21.58
CA SER B 213 20.46 28.25 -22.30
C SER B 213 19.25 28.61 -21.47
N LEU B 214 19.28 28.35 -20.18
CA LEU B 214 18.15 28.66 -19.32
C LEU B 214 17.92 30.15 -19.12
N LEU B 215 19.02 30.91 -19.11
CA LEU B 215 19.02 32.35 -18.84
C LEU B 215 18.72 33.16 -20.10
N LYS B 216 17.44 33.20 -20.44
CA LYS B 216 16.96 33.94 -21.58
C LYS B 216 16.32 35.19 -21.00
N PRO B 217 16.07 36.22 -21.81
CA PRO B 217 15.25 37.31 -21.31
C PRO B 217 13.95 36.80 -20.77
N PHE B 218 13.07 37.71 -20.40
CA PHE B 218 11.78 37.33 -19.86
C PHE B 218 10.97 38.57 -19.54
N HIS B 219 9.71 38.39 -19.18
CA HIS B 219 8.81 39.51 -19.17
C HIS B 219 8.11 39.67 -17.87
N VAL B 220 8.06 40.91 -17.40
CA VAL B 220 7.27 41.27 -16.25
C VAL B 220 6.26 42.29 -16.74
N LYS B 221 5.13 42.36 -16.07
CA LYS B 221 4.05 43.27 -16.39
C LYS B 221 3.81 44.15 -15.19
N VAL B 222 4.04 45.46 -15.33
CA VAL B 222 3.74 46.40 -14.25
C VAL B 222 2.28 46.88 -14.25
N ASN B 223 1.78 47.35 -13.12
CA ASN B 223 0.38 47.71 -13.06
C ASN B 223 0.06 49.09 -12.49
N ASP B 224 -1.15 49.22 -11.99
CA ASP B 224 -1.65 50.47 -11.48
C ASP B 224 -1.12 50.68 -10.06
N LYS B 225 -0.93 49.59 -9.33
CA LYS B 225 -0.37 49.67 -7.99
C LYS B 225 1.10 49.99 -8.07
N LYS B 226 1.58 50.28 -9.29
CA LYS B 226 2.99 50.50 -9.59
C LYS B 226 3.82 49.25 -9.37
N GLU B 227 3.17 48.10 -9.28
CA GLU B 227 3.83 46.86 -8.89
C GLU B 227 4.23 46.00 -10.06
N THR B 229 4.72 41.96 -11.72
CA THR B 229 4.35 40.56 -11.73
C THR B 229 4.94 39.96 -12.98
N ILE B 230 5.10 38.64 -13.02
CA ILE B 230 5.62 37.98 -14.21
C ILE B 230 4.53 37.75 -15.25
N TYR B 231 4.92 37.84 -16.50
CA TYR B 231 3.97 37.64 -17.57
C TYR B 231 4.47 36.44 -18.37
N ASN B 232 3.57 35.51 -18.65
CA ASN B 232 3.89 34.37 -19.50
C ASN B 232 3.02 34.49 -20.75
N ASN B 233 3.68 34.69 -21.89
CA ASN B 233 3.00 35.00 -23.16
C ASN B 233 1.62 34.34 -23.35
N ILE B 242 4.08 41.49 -25.06
CA ILE B 242 3.69 42.37 -26.15
C ILE B 242 2.77 43.52 -25.71
N PRO B 243 1.96 43.33 -24.66
CA PRO B 243 1.21 44.51 -24.21
C PRO B 243 2.17 45.67 -23.98
N ASP B 244 1.64 46.87 -23.83
CA ASP B 244 2.50 48.02 -23.60
C ASP B 244 2.87 48.09 -22.13
N ASN B 245 2.14 47.30 -21.35
CA ASN B 245 2.35 47.06 -19.93
C ASN B 245 3.60 46.26 -19.56
N VAL B 246 4.39 45.78 -20.52
CA VAL B 246 5.38 44.73 -20.23
C VAL B 246 6.82 45.05 -20.61
N ILE B 247 7.71 44.79 -19.67
CA ILE B 247 9.14 45.02 -19.86
C ILE B 247 9.84 43.69 -20.08
N VAL B 248 10.84 43.73 -20.96
CA VAL B 248 11.73 42.64 -21.19
C VAL B 248 12.93 42.79 -20.27
N ILE B 249 13.34 41.70 -19.63
CA ILE B 249 14.48 41.73 -18.71
C ILE B 249 15.56 40.70 -19.05
N ASN B 250 16.79 41.14 -19.20
CA ASN B 250 17.88 40.18 -19.31
C ASN B 250 18.14 39.43 -18.01
N HIS B 251 18.28 38.12 -18.13
CA HIS B 251 18.75 37.25 -17.06
C HIS B 251 20.22 36.98 -17.34
N LYS B 252 21.07 37.30 -16.38
CA LYS B 252 22.49 37.21 -16.62
C LYS B 252 23.16 36.53 -15.45
N ILE B 253 24.39 36.06 -15.67
CA ILE B 253 25.18 35.51 -14.59
C ILE B 253 26.65 35.80 -14.83
N ASN B 254 27.36 36.17 -13.78
CA ASN B 254 28.78 36.42 -13.93
C ASN B 254 29.49 35.11 -14.27
N ASN B 255 30.50 35.21 -15.14
CA ASN B 255 31.25 34.04 -15.56
C ASN B 255 32.04 33.37 -14.41
N LYS B 256 32.70 34.18 -13.58
CA LYS B 256 33.51 33.63 -12.48
C LYS B 256 32.67 32.94 -11.40
N ILE B 257 31.51 33.50 -11.08
CA ILE B 257 30.66 32.86 -10.10
C ILE B 257 29.83 31.74 -10.71
N THR B 258 29.84 31.62 -12.04
CA THR B 258 29.08 30.55 -12.68
C THR B 258 29.89 29.29 -12.56
N GLN B 259 31.20 29.46 -12.65
CA GLN B 259 32.08 28.33 -12.54
C GLN B 259 32.11 27.84 -11.12
N LEU B 260 31.94 28.75 -10.17
CA LEU B 260 31.88 28.35 -8.78
C LEU B 260 30.59 27.61 -8.53
N ILE B 261 29.49 28.18 -8.99
CA ILE B 261 28.20 27.56 -8.80
C ILE B 261 28.16 26.16 -9.43
N ALA B 262 28.57 26.04 -10.69
CA ALA B 262 28.57 24.76 -11.40
C ALA B 262 29.34 23.71 -10.63
N LYS B 263 30.50 24.07 -10.10
CA LYS B 263 31.31 23.16 -9.28
C LYS B 263 30.53 22.67 -8.07
N ASN B 264 30.07 23.59 -7.24
CA ASN B 264 29.41 23.18 -6.01
C ASN B 264 28.14 22.39 -6.27
N VAL B 265 27.39 22.75 -7.29
CA VAL B 265 26.19 22.00 -7.62
C VAL B 265 26.53 20.64 -8.19
N ALA B 266 27.65 20.55 -8.91
CA ALA B 266 28.01 19.28 -9.49
C ALA B 266 28.25 18.34 -8.33
N ASN B 267 28.90 18.88 -7.28
CA ASN B 267 29.16 18.11 -6.07
C ASN B 267 27.89 17.56 -5.42
N VAL B 268 26.96 18.43 -5.07
CA VAL B 268 25.75 17.99 -4.40
C VAL B 268 24.78 17.24 -5.32
N SER B 269 25.14 17.04 -6.58
CA SER B 269 24.23 16.36 -7.50
C SER B 269 24.64 14.94 -7.84
N GLY B 270 25.83 14.81 -8.42
CA GLY B 270 26.30 13.56 -8.95
C GLY B 270 25.60 13.19 -10.23
N SER B 271 24.47 13.82 -10.51
CA SER B 271 23.77 13.48 -11.73
C SER B 271 23.19 14.66 -12.54
N THR B 272 23.52 14.65 -13.84
CA THR B 272 22.90 15.51 -14.83
C THR B 272 21.41 15.67 -14.57
N GLU B 273 20.73 14.59 -14.25
CA GLU B 273 19.30 14.69 -14.02
C GLU B 273 19.02 15.67 -12.90
N LYS B 274 19.66 15.46 -11.77
CA LYS B 274 19.50 16.31 -10.60
C LYS B 274 20.00 17.72 -10.85
N ALA B 275 21.19 17.87 -11.41
CA ALA B 275 21.71 19.19 -11.69
C ALA B 275 20.76 19.98 -12.59
N PHE B 276 20.54 19.50 -13.80
CA PHE B 276 19.60 20.13 -14.72
C PHE B 276 18.21 20.39 -14.15
N LYS B 277 17.95 19.97 -12.94
CA LYS B 277 16.60 20.15 -12.43
C LYS B 277 16.63 21.23 -11.37
N ILE B 278 17.79 21.32 -10.72
CA ILE B 278 18.11 22.36 -9.76
C ILE B 278 18.28 23.67 -10.52
N CYS B 279 18.97 23.61 -11.66
CA CYS B 279 19.20 24.81 -12.47
C CYS B 279 17.93 25.52 -12.84
N GLU B 280 16.88 24.79 -13.17
CA GLU B 280 15.73 25.46 -13.68
C GLU B 280 14.86 25.96 -12.57
N ALA B 281 14.98 25.34 -11.41
CA ALA B 281 14.20 25.75 -10.25
C ALA B 281 14.79 27.05 -9.72
N ALA B 282 16.12 27.11 -9.77
CA ALA B 282 16.89 28.28 -9.39
C ALA B 282 16.48 29.46 -10.25
N VAL B 283 16.55 29.26 -11.57
CA VAL B 283 16.18 30.28 -12.53
C VAL B 283 14.74 30.75 -12.34
N GLU B 284 13.83 29.86 -11.97
CA GLU B 284 12.49 30.33 -11.68
C GLU B 284 12.51 31.21 -10.45
N ILE B 285 13.25 30.78 -9.43
CA ILE B 285 13.34 31.50 -8.16
C ILE B 285 13.99 32.85 -8.37
N SER B 286 15.02 32.88 -9.19
CA SER B 286 15.70 34.12 -9.48
C SER B 286 14.78 35.08 -10.22
N LYS B 287 14.06 34.57 -11.21
CA LYS B 287 13.05 35.34 -11.93
C LYS B 287 12.07 35.89 -10.93
N LYS B 288 11.79 35.11 -9.91
CA LYS B 288 10.82 35.47 -8.91
C LYS B 288 11.37 36.59 -8.02
N ASP B 289 12.70 36.59 -7.83
CA ASP B 289 13.34 37.55 -6.93
C ASP B 289 13.40 38.94 -7.52
N PHE B 290 13.63 39.01 -8.82
CA PHE B 290 13.72 40.27 -9.53
C PHE B 290 12.42 41.03 -9.54
N VAL B 291 11.30 40.37 -9.27
CA VAL B 291 10.06 41.12 -9.19
C VAL B 291 9.80 41.63 -7.78
N ARG B 292 10.18 40.84 -6.78
CA ARG B 292 10.19 41.35 -5.41
C ARG B 292 10.93 42.70 -5.37
N LYS B 293 12.11 42.78 -5.98
CA LYS B 293 12.92 44.00 -5.94
C LYS B 293 12.17 45.27 -6.43
N GLY B 294 11.31 45.09 -7.43
CA GLY B 294 10.52 46.20 -7.93
C GLY B 294 11.33 47.15 -8.78
N GLY B 295 12.49 46.71 -9.24
CA GLY B 295 13.26 47.48 -10.19
C GLY B 295 14.04 48.63 -9.58
N LEU B 296 13.94 48.72 -8.25
CA LEU B 296 14.68 49.69 -7.43
C LEU B 296 15.17 48.94 -6.18
N GLN B 297 16.47 48.98 -5.90
CA GLN B 297 17.01 48.28 -4.73
C GLN B 297 18.26 48.89 -4.09
N LYS B 298 18.14 49.21 -2.80
CA LYS B 298 19.25 49.74 -2.03
C LYS B 298 19.79 50.98 -2.70
N GLY B 299 18.87 51.81 -3.21
CA GLY B 299 19.23 53.11 -3.76
C GLY B 299 19.69 53.15 -5.21
N LYS B 300 19.79 51.99 -5.85
CA LYS B 300 20.13 51.92 -7.27
C LYS B 300 18.94 51.31 -8.02
N LEU B 301 18.91 51.45 -9.34
CA LEU B 301 17.83 50.75 -10.05
C LEU B 301 18.28 49.49 -10.81
N VAL B 302 17.38 48.51 -10.88
CA VAL B 302 17.67 47.23 -11.53
C VAL B 302 16.72 46.98 -12.70
N VAL B 303 17.31 46.84 -13.88
CA VAL B 303 16.55 46.69 -15.11
C VAL B 303 16.91 45.37 -15.77
N SER B 304 17.50 44.48 -14.98
CA SER B 304 17.98 43.19 -15.42
C SER B 304 18.30 42.38 -14.18
N GLN B 305 18.33 41.05 -14.30
CA GLN B 305 18.47 40.19 -13.13
C GLN B 305 19.76 39.39 -13.14
N GLU B 306 20.45 39.35 -12.01
CA GLU B 306 21.72 38.62 -11.94
C GLU B 306 21.60 37.42 -11.04
N VAL B 308 22.43 34.41 -8.58
CA VAL B 308 23.22 34.39 -7.35
C VAL B 308 23.12 33.06 -6.60
N PRO B 309 24.25 32.56 -6.08
CA PRO B 309 24.28 31.23 -5.47
C PRO B 309 23.18 31.03 -4.45
N ARG B 310 22.69 32.09 -3.83
CA ARG B 310 21.64 31.86 -2.86
C ARG B 310 20.39 31.28 -3.55
N TYR B 311 20.16 31.68 -4.79
CA TYR B 311 19.05 31.13 -5.58
C TYR B 311 19.11 29.60 -5.80
N PHE B 312 20.31 29.06 -6.03
CA PHE B 312 20.50 27.61 -6.08
C PHE B 312 20.29 26.96 -4.73
N SER B 313 20.89 27.55 -3.71
CA SER B 313 20.69 27.13 -2.34
C SER B 313 19.21 26.94 -2.04
N GLU B 314 18.38 27.93 -2.35
CA GLU B 314 16.96 27.77 -2.07
C GLU B 314 16.39 26.67 -2.96
N ALA B 315 16.88 26.59 -4.18
CA ALA B 315 16.38 25.59 -5.11
C ALA B 315 16.45 24.19 -4.50
N ILE B 316 17.59 23.86 -3.92
CA ILE B 316 17.79 22.56 -3.30
C ILE B 316 16.95 22.43 -2.03
N ASN B 317 17.17 23.34 -1.08
CA ASN B 317 16.54 23.30 0.24
C ASN B 317 15.05 23.64 0.23
#